data_3WWR
#
_entry.id   3WWR
#
_cell.length_a   45.167
_cell.length_b   51.826
_cell.length_c   132.384
_cell.angle_alpha   90.00
_cell.angle_beta   90.00
_cell.angle_gamma   90.00
#
_symmetry.space_group_name_H-M   'P 21 21 21'
#
loop_
_entity.id
_entity.type
_entity.pdbx_description
1 polymer 'Vitamin D3 receptor'
2 non-polymer 1-({[(1R,2S,3R,5Z,7E,14beta,17alpha)-1,3,25-trihydroxy-9,10-secocholesta-5,7,10-trien-2-yl]oxy}methyl)cyclopropanecarbonitrile
#
_entity_poly.entity_id   1
_entity_poly.type   'polypeptide(L)'
_entity_poly.pdbx_seq_one_letter_code
;GSHMDSLRPKLSEEQQRIIAILLDAHHKTYDPTYSDFCQFRPPVRVNDGGGSVTLELSQLSMLPHLADLVSYSIQKVIGF
AKMIPGFRDLTSEDQIVLLKSSAIEVIMLRSNESFTMDDMSWTCGNQDYKYRVSDVTKAGHSLELIEPLIKFQVGLKKLN
LHEEEHVLLMAICIVSPDRPGVQDAALIEAIQDRLSNTLQTYIRCRHPPPGSHLLYAKMIQKLADLRSLNEEHSKQYRCL
SFQPECSMKLTPLVLEVFGNEIS
;
_entity_poly.pdbx_strand_id   A
#
# COMPACT_ATOMS: atom_id res chain seq x y z
N ASP A 5 -7.26 24.23 -25.86
CA ASP A 5 -7.94 22.95 -25.38
C ASP A 5 -6.98 21.76 -25.39
N SER A 6 -7.20 20.83 -24.47
CA SER A 6 -6.50 19.56 -24.41
C SER A 6 -5.03 19.65 -24.82
N LEU A 7 -4.30 20.52 -24.12
CA LEU A 7 -2.86 20.66 -24.31
C LEU A 7 -2.14 19.44 -23.76
N ARG A 8 -1.22 18.89 -24.53
CA ARG A 8 -0.43 17.74 -24.11
C ARG A 8 1.07 18.08 -24.10
N PRO A 9 1.51 18.87 -23.10
CA PRO A 9 2.93 19.27 -23.04
C PRO A 9 3.85 18.08 -22.77
N LYS A 10 4.96 18.04 -23.49
CA LYS A 10 5.96 16.98 -23.34
C LYS A 10 6.59 16.97 -21.96
N LEU A 11 7.01 15.79 -21.52
CA LEU A 11 7.62 15.61 -20.21
C LEU A 11 8.98 16.29 -20.16
N SER A 12 9.25 16.99 -19.06
CA SER A 12 10.51 17.69 -18.87
C SER A 12 11.62 16.72 -18.44
N GLU A 13 12.85 17.05 -18.76
CA GLU A 13 13.95 16.24 -18.36
C GLU A 13 13.83 15.95 -16.88
N GLU A 14 13.52 16.95 -16.10
CA GLU A 14 13.38 16.73 -14.66
C GLU A 14 12.27 15.73 -14.34
N GLN A 15 11.12 15.89 -14.99
CA GLN A 15 10.00 14.97 -14.80
C GLN A 15 10.34 13.55 -15.23
N GLN A 16 10.99 13.42 -16.38
CA GLN A 16 11.51 12.14 -16.85
C GLN A 16 12.44 11.52 -15.82
N ARG A 17 13.41 12.30 -15.34
CA ARG A 17 14.33 11.82 -14.33
C ARG A 17 13.58 11.27 -13.12
N ILE A 18 12.63 12.04 -12.59
CA ILE A 18 11.82 11.65 -11.43
C ILE A 18 11.18 10.27 -11.61
N ILE A 19 10.57 10.05 -12.77
CA ILE A 19 9.93 8.76 -13.09
C ILE A 19 10.98 7.65 -13.12
N ALA A 20 12.06 7.87 -13.86
CA ALA A 20 13.19 6.95 -13.91
C ALA A 20 13.63 6.55 -12.49
N ILE A 21 13.87 7.57 -11.66
CA ILE A 21 14.26 7.39 -10.26
C ILE A 21 13.23 6.58 -9.48
N LEU A 22 11.96 6.95 -9.61
CA LEU A 22 10.88 6.25 -8.93
C LEU A 22 10.70 4.81 -9.45
N LEU A 23 10.70 4.64 -10.77
CA LEU A 23 10.64 3.32 -11.39
C LEU A 23 11.71 2.40 -10.83
N ASP A 24 12.96 2.88 -10.86
CA ASP A 24 14.12 2.13 -10.37
C ASP A 24 14.00 1.78 -8.89
N ALA A 25 13.55 2.74 -8.09
CA ALA A 25 13.33 2.53 -6.65
C ALA A 25 12.39 1.35 -6.39
N HIS A 26 11.31 1.28 -7.16
CA HIS A 26 10.30 0.24 -7.02
C HIS A 26 10.81 -1.14 -7.43
N HIS A 27 11.69 -1.19 -8.39
CA HIS A 27 12.24 -2.44 -8.83
C HIS A 27 13.14 -3.00 -7.80
N LYS A 28 13.72 -2.14 -6.99
CA LYS A 28 14.66 -2.51 -5.94
C LYS A 28 13.96 -2.90 -4.63
N THR A 29 12.67 -2.64 -4.55
CA THR A 29 11.92 -2.92 -3.32
C THR A 29 10.75 -3.90 -3.49
N TYR A 30 10.31 -4.10 -4.74
CA TYR A 30 9.28 -5.11 -5.01
C TYR A 30 9.85 -6.35 -5.72
N ASP A 31 9.65 -7.49 -5.08
CA ASP A 31 10.10 -8.78 -5.59
C ASP A 31 8.92 -9.57 -6.20
N PRO A 32 8.83 -9.59 -7.54
CA PRO A 32 7.69 -10.22 -8.21
C PRO A 32 7.79 -11.74 -8.17
N THR A 33 8.92 -12.26 -7.67
CA THR A 33 9.13 -13.70 -7.54
C THR A 33 8.69 -14.18 -6.17
N TYR A 34 8.66 -13.26 -5.21
CA TYR A 34 8.25 -13.54 -3.82
C TYR A 34 9.16 -14.56 -3.12
N SER A 35 10.45 -14.47 -3.38
CA SER A 35 11.45 -15.45 -2.91
C SER A 35 11.73 -15.46 -1.41
N ASP A 36 11.59 -14.29 -0.77
CA ASP A 36 11.86 -14.10 0.66
C ASP A 36 10.81 -14.73 1.60
N PHE A 37 9.77 -15.33 1.03
CA PHE A 37 8.58 -15.74 1.80
C PHE A 37 8.81 -16.87 2.80
N CYS A 38 9.61 -17.84 2.39
CA CYS A 38 9.97 -18.97 3.25
C CYS A 38 10.74 -18.51 4.48
N GLN A 39 11.13 -17.23 4.50
CA GLN A 39 11.82 -16.66 5.64
C GLN A 39 10.84 -16.03 6.63
N PHE A 40 9.54 -16.11 6.32
CA PHE A 40 8.51 -15.67 7.27
C PHE A 40 8.00 -16.85 8.07
N ARG A 41 7.44 -16.56 9.24
CA ARG A 41 6.75 -17.55 10.03
C ARG A 41 5.71 -18.23 9.13
N PRO A 42 5.55 -19.57 9.28
CA PRO A 42 4.72 -20.32 8.34
C PRO A 42 3.23 -19.96 8.41
N PRO A 43 2.54 -20.00 7.24
CA PRO A 43 1.08 -19.90 7.23
C PRO A 43 0.45 -21.10 7.93
N VAL A 44 -0.49 -20.84 8.84
CA VAL A 44 -1.29 -21.91 9.44
C VAL A 44 -2.77 -21.63 9.19
N ARG A 45 -3.43 -22.57 8.51
CA ARG A 45 -4.82 -22.41 8.11
C ARG A 45 -5.74 -23.40 8.81
N VAL A 46 -6.21 -23.02 10.01
CA VAL A 46 -7.24 -23.82 10.69
C VAL A 46 -8.57 -23.70 9.96
N ASN A 47 -9.35 -24.78 9.99
CA ASN A 47 -10.69 -24.78 9.42
C ASN A 47 -11.63 -23.96 10.29
N ASP A 48 -12.18 -22.89 9.70
CA ASP A 48 -13.06 -21.97 10.42
C ASP A 48 -14.19 -21.50 9.51
N GLY A 49 -14.73 -22.42 8.70
CA GLY A 49 -15.81 -22.10 7.76
C GLY A 49 -17.05 -21.46 8.38
N GLY A 50 -16.94 -21.13 9.65
CA GLY A 50 -17.98 -20.40 10.29
C GLY A 50 -18.73 -19.64 9.24
N SER A 52 -15.57 -18.14 12.54
CA SER A 52 -16.09 -17.91 13.85
C SER A 52 -15.23 -16.92 14.51
N VAL A 53 -15.83 -15.86 14.99
CA VAL A 53 -15.00 -14.77 15.50
C VAL A 53 -14.21 -15.26 16.72
N THR A 54 -14.75 -16.28 17.38
CA THR A 54 -14.12 -16.91 18.55
C THR A 54 -12.97 -17.83 18.13
N LEU A 55 -13.24 -18.79 17.27
CA LEU A 55 -12.16 -19.57 16.75
C LEU A 55 -11.08 -18.62 16.36
N GLU A 56 -11.29 -17.84 15.34
CA GLU A 56 -10.30 -16.84 14.98
C GLU A 56 -9.34 -16.11 15.87
N LEU A 57 -9.92 -15.45 16.87
CA LEU A 57 -9.18 -14.79 17.92
C LEU A 57 -8.51 -15.84 18.79
N SER A 58 -9.26 -16.89 19.12
CA SER A 58 -8.74 -18.05 19.85
C SER A 58 -7.44 -18.57 19.23
N GLN A 59 -7.47 -18.80 17.93
CA GLN A 59 -6.30 -19.38 17.27
C GLN A 59 -5.32 -18.33 16.75
N LEU A 60 -5.81 -17.37 15.96
CA LEU A 60 -4.97 -16.39 15.25
C LEU A 60 -3.83 -17.07 14.47
N SER A 61 -4.19 -18.15 13.76
CA SER A 61 -3.24 -19.06 13.12
C SER A 61 -2.48 -18.41 11.98
N MET A 62 -3.13 -17.47 11.29
CA MET A 62 -2.53 -16.78 10.14
C MET A 62 -1.83 -15.48 10.54
N LEU A 63 -2.06 -15.01 11.77
CA LEU A 63 -1.46 -13.76 12.20
C LEU A 63 0.05 -13.73 12.15
N PRO A 64 0.74 -14.78 12.67
CA PRO A 64 2.20 -14.71 12.68
C PRO A 64 2.79 -14.55 11.27
N HIS A 65 2.21 -15.26 10.31
CA HIS A 65 2.67 -15.22 8.93
C HIS A 65 2.40 -13.88 8.26
N LEU A 66 1.18 -13.38 8.43
CA LEU A 66 0.79 -12.10 7.83
C LEU A 66 1.42 -10.89 8.50
N ALA A 67 1.59 -10.94 9.82
CA ALA A 67 2.32 -9.92 10.55
C ALA A 67 3.77 -9.86 10.08
N ASP A 68 4.31 -11.02 9.69
CA ASP A 68 5.69 -11.10 9.19
C ASP A 68 5.80 -10.46 7.81
N LEU A 69 4.85 -10.81 6.93
CA LEU A 69 4.78 -10.24 5.59
C LEU A 69 4.65 -8.71 5.62
N VAL A 70 3.64 -8.22 6.33
CA VAL A 70 3.40 -6.78 6.47
C VAL A 70 4.67 -6.09 6.99
N SER A 71 5.21 -6.61 8.08
CA SER A 71 6.46 -6.13 8.65
C SER A 71 7.57 -6.03 7.59
N TYR A 72 7.80 -7.14 6.89
CA TYR A 72 8.75 -7.19 5.77
C TYR A 72 8.47 -6.10 4.74
N SER A 73 7.20 -5.96 4.37
CA SER A 73 6.74 -5.00 3.37
C SER A 73 6.95 -3.57 3.86
N ILE A 74 6.60 -3.31 5.11
CA ILE A 74 6.87 -2.01 5.74
C ILE A 74 8.30 -1.59 5.46
N GLN A 75 9.24 -2.50 5.71
CA GLN A 75 10.67 -2.26 5.47
C GLN A 75 10.92 -1.89 4.01
N LYS A 76 10.25 -2.59 3.10
CA LYS A 76 10.39 -2.33 1.68
C LYS A 76 9.76 -0.98 1.31
N VAL A 77 8.68 -0.62 1.99
CA VAL A 77 8.00 0.66 1.78
C VAL A 77 8.90 1.82 2.23
N ILE A 78 9.51 1.67 3.41
CA ILE A 78 10.48 2.66 3.94
C ILE A 78 11.66 2.90 2.99
N GLY A 79 12.23 1.82 2.46
CA GLY A 79 13.28 1.89 1.46
C GLY A 79 12.85 2.63 0.20
N PHE A 80 11.57 2.48 -0.16
CA PHE A 80 11.00 3.17 -1.31
C PHE A 80 10.88 4.68 -1.04
N ALA A 81 10.33 5.02 0.13
CA ALA A 81 10.18 6.41 0.54
C ALA A 81 11.53 7.13 0.52
N LYS A 82 12.55 6.47 1.08
CA LYS A 82 13.91 7.02 1.13
C LYS A 82 14.56 7.19 -0.23
N MET A 83 13.80 7.02 -1.31
CA MET A 83 14.34 7.24 -2.65
C MET A 83 13.46 8.19 -3.48
N ILE A 84 12.38 8.67 -2.86
CA ILE A 84 11.55 9.72 -3.43
C ILE A 84 12.35 11.03 -3.42
N PRO A 85 12.47 11.70 -4.59
CA PRO A 85 13.18 12.98 -4.67
C PRO A 85 12.46 14.04 -3.84
N GLY A 86 13.19 14.66 -2.92
CA GLY A 86 12.63 15.62 -1.98
C GLY A 86 12.37 15.04 -0.60
N PHE A 87 12.25 13.72 -0.50
CA PHE A 87 11.97 13.06 0.77
C PHE A 87 13.12 13.21 1.76
N ARG A 88 14.35 13.22 1.25
CA ARG A 88 15.56 13.46 2.05
C ARG A 88 15.54 14.86 2.70
N ASP A 89 14.86 15.80 2.04
CA ASP A 89 14.88 17.22 2.43
C ASP A 89 13.87 17.62 3.51
N LEU A 90 13.21 16.65 4.10
CA LEU A 90 12.30 16.91 5.20
C LEU A 90 13.01 16.54 6.49
N THR A 91 12.68 17.24 7.57
CA THR A 91 13.15 16.81 8.88
C THR A 91 12.77 15.35 9.03
N SER A 92 13.72 14.54 9.51
CA SER A 92 13.48 13.12 9.71
C SER A 92 12.21 12.88 10.54
N GLU A 93 11.84 13.89 11.32
CA GLU A 93 10.62 13.85 12.13
C GLU A 93 9.35 13.83 11.28
N ASP A 94 9.32 14.66 10.24
CA ASP A 94 8.21 14.67 9.30
C ASP A 94 8.24 13.45 8.40
N GLN A 95 9.42 12.82 8.28
CA GLN A 95 9.57 11.60 7.52
C GLN A 95 8.85 10.43 8.18
N ILE A 96 9.11 10.23 9.48
CA ILE A 96 8.50 9.13 10.22
C ILE A 96 6.98 9.29 10.29
N VAL A 97 6.55 10.54 10.46
CA VAL A 97 5.12 10.85 10.58
C VAL A 97 4.39 10.44 9.30
N LEU A 98 4.99 10.77 8.15
CA LEU A 98 4.44 10.43 6.85
C LEU A 98 4.50 8.93 6.59
N LEU A 99 5.60 8.34 6.95
CA LEU A 99 5.76 6.94 6.81
C LEU A 99 4.75 6.15 7.60
N LYS A 100 4.73 6.31 8.90
CA LYS A 100 3.84 5.54 9.76
C LYS A 100 2.37 5.66 9.35
N SER A 101 1.96 6.86 8.97
CA SER A 101 0.55 7.15 8.71
C SER A 101 0.11 6.81 7.27
N SER A 102 1.04 6.37 6.44
CA SER A 102 0.72 5.94 5.08
C SER A 102 1.17 4.51 4.78
N ALA A 103 1.94 3.93 5.69
CA ALA A 103 2.50 2.60 5.49
C ALA A 103 1.49 1.54 5.05
N ILE A 104 0.32 1.51 5.68
CA ILE A 104 -0.73 0.54 5.32
C ILE A 104 -1.43 0.88 4.01
N GLU A 105 -1.53 2.18 3.71
CA GLU A 105 -2.17 2.63 2.49
C GLU A 105 -1.37 2.20 1.25
N VAL A 106 -0.05 2.36 1.35
CA VAL A 106 0.88 2.01 0.27
C VAL A 106 0.89 0.49 0.03
N ILE A 107 0.85 -0.27 1.12
CA ILE A 107 0.83 -1.73 1.07
C ILE A 107 -0.38 -2.25 0.28
N MET A 108 -1.54 -1.63 0.48
CA MET A 108 -2.76 -1.97 -0.25
C MET A 108 -2.64 -1.62 -1.75
N LEU A 109 -1.89 -0.56 -2.06
CA LEU A 109 -1.61 -0.18 -3.44
C LEU A 109 -0.66 -1.15 -4.14
N ARG A 110 0.45 -1.48 -3.49
CA ARG A 110 1.49 -2.31 -4.09
C ARG A 110 1.15 -3.79 -4.08
N SER A 111 0.18 -4.17 -3.25
CA SER A 111 -0.31 -5.55 -3.22
C SER A 111 -1.10 -5.91 -4.48
N ASN A 112 -1.58 -4.88 -5.18
CA ASN A 112 -2.34 -5.03 -6.41
C ASN A 112 -1.56 -5.73 -7.51
N GLU A 113 -0.23 -5.66 -7.41
CA GLU A 113 0.67 -6.37 -8.32
C GLU A 113 0.56 -7.89 -8.18
N SER A 114 0.10 -8.35 -7.02
CA SER A 114 -0.07 -9.78 -6.76
C SER A 114 -1.53 -10.19 -6.65
N PHE A 115 -2.42 -9.20 -6.57
CA PHE A 115 -3.85 -9.46 -6.55
C PHE A 115 -4.29 -9.90 -7.94
N THR A 116 -5.07 -10.98 -7.99
CA THR A 116 -5.53 -11.57 -9.26
C THR A 116 -7.05 -11.70 -9.34
N MET A 117 -7.61 -11.09 -10.38
CA MET A 117 -9.05 -11.10 -10.62
C MET A 117 -9.58 -12.43 -11.14
N ASP A 118 -8.70 -13.44 -11.16
CA ASP A 118 -9.09 -14.79 -11.60
C ASP A 118 -9.79 -15.59 -10.50
N ASP A 119 -9.48 -15.29 -9.24
CA ASP A 119 -10.12 -15.93 -8.08
C ASP A 119 -10.24 -14.96 -6.91
N MET A 120 -10.11 -13.70 -7.22
CA MET A 120 -10.18 -12.64 -6.26
C MET A 120 -9.39 -12.97 -5.06
N SER A 121 -8.11 -13.04 -5.28
CA SER A 121 -7.13 -13.27 -4.23
C SER A 121 -5.77 -12.65 -4.55
N TRP A 122 -4.85 -12.72 -3.61
CA TRP A 122 -3.49 -12.28 -3.77
C TRP A 122 -2.62 -13.50 -3.81
N THR A 123 -1.87 -13.68 -4.87
CA THR A 123 -1.03 -14.86 -5.06
C THR A 123 0.44 -14.51 -5.08
N CYS A 124 1.16 -15.12 -4.18
CA CYS A 124 2.52 -14.80 -4.01
C CYS A 124 3.31 -16.07 -4.08
N GLY A 125 2.77 -17.09 -4.71
CA GLY A 125 3.30 -18.42 -4.52
C GLY A 125 3.18 -19.26 -5.73
N ASN A 126 2.73 -20.50 -5.60
CA ASN A 126 2.43 -21.18 -4.36
C ASN A 126 1.26 -21.20 -3.43
N GLN A 127 0.31 -22.07 -3.71
CA GLN A 127 -0.86 -22.18 -2.89
C GLN A 127 -0.74 -21.88 -1.46
N ASP A 128 0.43 -22.10 -0.92
CA ASP A 128 0.72 -21.66 0.44
C ASP A 128 0.63 -20.13 0.56
N TYR A 129 1.14 -19.44 -0.45
CA TYR A 129 1.16 -17.99 -0.46
C TYR A 129 0.04 -17.36 -1.30
N LYS A 130 -1.08 -18.07 -1.38
CA LYS A 130 -2.30 -17.55 -1.94
C LYS A 130 -3.18 -17.11 -0.79
N TYR A 131 -3.68 -15.88 -0.86
CA TYR A 131 -4.45 -15.30 0.25
C TYR A 131 -5.84 -14.88 -0.18
N ARG A 132 -6.87 -15.51 0.37
CA ARG A 132 -8.24 -15.27 0.01
C ARG A 132 -8.88 -14.60 1.24
N VAL A 133 -10.14 -14.20 1.18
CA VAL A 133 -10.86 -13.50 2.26
C VAL A 133 -10.77 -14.24 3.60
N SER A 134 -10.94 -15.57 3.54
CA SER A 134 -10.84 -16.43 4.71
C SER A 134 -9.48 -16.31 5.40
N ASP A 135 -8.40 -16.28 4.61
CA ASP A 135 -7.04 -16.19 5.13
C ASP A 135 -6.76 -14.91 5.93
N VAL A 136 -7.59 -13.90 5.76
CA VAL A 136 -7.41 -12.63 6.46
C VAL A 136 -8.30 -12.59 7.71
N THR A 137 -9.44 -13.28 7.65
CA THR A 137 -10.26 -13.50 8.85
C THR A 137 -9.53 -14.34 9.90
N LYS A 138 -8.80 -15.37 9.46
CA LYS A 138 -7.99 -16.20 10.37
C LYS A 138 -6.86 -15.40 11.02
N ALA A 139 -6.55 -14.23 10.45
CA ALA A 139 -5.56 -13.32 11.03
C ALA A 139 -6.22 -12.33 12.01
N GLY A 140 -7.51 -12.55 12.27
CA GLY A 140 -8.29 -11.73 13.21
C GLY A 140 -8.89 -10.47 12.62
N HIS A 141 -9.49 -10.59 11.45
CA HIS A 141 -10.13 -9.45 10.78
C HIS A 141 -11.54 -9.78 10.36
N SER A 142 -12.38 -8.75 10.34
CA SER A 142 -13.79 -8.89 9.95
C SER A 142 -14.02 -8.35 8.54
N LEU A 143 -15.21 -8.63 8.01
CA LEU A 143 -15.58 -8.30 6.63
C LEU A 143 -15.71 -6.80 6.40
N GLU A 144 -15.89 -6.04 7.48
CA GLU A 144 -15.99 -4.58 7.40
C GLU A 144 -14.75 -3.94 6.76
N LEU A 145 -13.61 -4.63 6.82
CA LEU A 145 -12.40 -4.17 6.14
C LEU A 145 -12.03 -5.02 4.93
N ILE A 146 -12.20 -6.34 5.04
CA ILE A 146 -11.70 -7.24 4.00
C ILE A 146 -12.49 -7.12 2.70
N GLU A 147 -13.81 -7.01 2.80
CA GLU A 147 -14.66 -6.92 1.60
C GLU A 147 -14.49 -5.63 0.81
N PRO A 148 -14.46 -4.46 1.48
CA PRO A 148 -14.11 -3.21 0.82
C PRO A 148 -12.72 -3.20 0.19
N LEU A 149 -11.79 -3.96 0.77
CA LEU A 149 -10.43 -4.06 0.25
C LEU A 149 -10.39 -4.75 -1.10
N ILE A 150 -11.13 -5.86 -1.26
CA ILE A 150 -11.21 -6.56 -2.55
C ILE A 150 -11.77 -5.63 -3.63
N LYS A 151 -12.83 -4.94 -3.33
CA LYS A 151 -13.41 -4.03 -4.27
C LYS A 151 -12.42 -2.96 -4.65
N PHE A 152 -11.63 -2.50 -3.71
CA PHE A 152 -10.64 -1.50 -3.99
C PHE A 152 -9.61 -2.01 -5.00
N GLN A 153 -9.21 -3.27 -4.87
CA GLN A 153 -8.18 -3.84 -5.73
C GLN A 153 -8.67 -4.03 -7.16
N VAL A 154 -9.93 -4.44 -7.29
CA VAL A 154 -10.60 -4.58 -8.58
C VAL A 154 -10.82 -3.23 -9.25
N GLY A 155 -11.29 -2.24 -8.48
CA GLY A 155 -11.42 -0.87 -8.95
C GLY A 155 -10.08 -0.33 -9.40
N LEU A 156 -9.03 -0.74 -8.68
CA LEU A 156 -7.65 -0.38 -8.99
C LEU A 156 -7.12 -1.10 -10.23
N LYS A 157 -7.42 -2.40 -10.35
CA LYS A 157 -7.02 -3.17 -11.51
C LYS A 157 -7.60 -2.62 -12.81
N LYS A 158 -8.90 -2.30 -12.77
CA LYS A 158 -9.62 -1.82 -13.96
C LYS A 158 -9.25 -0.38 -14.37
N LEU A 159 -8.36 0.24 -13.61
CA LEU A 159 -7.72 1.47 -14.06
C LEU A 159 -6.64 1.19 -15.11
N ASN A 160 -6.20 -0.07 -15.17
CA ASN A 160 -5.16 -0.53 -16.11
C ASN A 160 -3.91 0.34 -16.06
N LEU A 161 -3.43 0.59 -14.85
CA LEU A 161 -2.31 1.51 -14.63
C LEU A 161 -1.00 1.05 -15.24
N HIS A 162 -0.33 1.98 -15.92
CA HIS A 162 1.05 1.81 -16.36
C HIS A 162 1.92 1.75 -15.11
N GLU A 163 2.99 0.96 -15.15
CA GLU A 163 3.84 0.85 -13.98
C GLU A 163 4.35 2.21 -13.56
N GLU A 164 4.58 3.08 -14.54
CA GLU A 164 4.99 4.47 -14.32
C GLU A 164 3.99 5.24 -13.46
N GLU A 165 2.71 4.99 -13.70
CA GLU A 165 1.63 5.66 -12.96
C GLU A 165 1.43 5.02 -11.59
N HIS A 166 1.78 3.73 -11.51
CA HIS A 166 1.65 2.96 -10.28
C HIS A 166 2.63 3.49 -9.22
N VAL A 167 3.87 3.74 -9.62
CA VAL A 167 4.90 4.21 -8.69
C VAL A 167 4.70 5.66 -8.25
N LEU A 168 4.10 6.47 -9.13
CA LEU A 168 3.81 7.87 -8.82
C LEU A 168 2.66 7.98 -7.85
N LEU A 169 1.65 7.12 -8.00
CA LEU A 169 0.52 7.08 -7.08
C LEU A 169 0.96 6.81 -5.65
N MET A 170 1.83 5.81 -5.47
CA MET A 170 2.41 5.49 -4.17
C MET A 170 3.23 6.67 -3.61
N ALA A 171 4.01 7.29 -4.50
CA ALA A 171 4.85 8.44 -4.14
C ALA A 171 4.01 9.59 -3.61
N ILE A 172 2.88 9.85 -4.26
CA ILE A 172 1.94 10.89 -3.84
C ILE A 172 1.26 10.51 -2.51
N CYS A 173 0.86 9.24 -2.42
CA CYS A 173 0.21 8.71 -1.21
C CYS A 173 1.05 8.98 0.04
N ILE A 174 2.35 8.72 -0.06
CA ILE A 174 3.30 8.90 1.04
C ILE A 174 3.40 10.38 1.42
N VAL A 175 3.78 11.21 0.43
CA VAL A 175 4.05 12.62 0.66
C VAL A 175 2.76 13.41 0.54
N SER A 176 1.88 13.22 1.53
CA SER A 176 0.62 13.96 1.64
C SER A 176 0.80 15.01 2.73
N PRO A 177 0.39 16.26 2.45
CA PRO A 177 0.63 17.32 3.44
C PRO A 177 -0.47 17.42 4.50
N ASP A 178 -1.51 16.60 4.37
CA ASP A 178 -2.68 16.67 5.26
C ASP A 178 -2.70 15.59 6.36
N ARG A 179 -1.54 14.97 6.60
CA ARG A 179 -1.40 13.95 7.65
C ARG A 179 -1.29 14.58 9.04
N PRO A 180 -1.92 13.95 10.07
CA PRO A 180 -1.79 14.47 11.43
C PRO A 180 -0.37 14.33 12.00
N GLY A 181 0.20 15.42 12.49
CA GLY A 181 1.50 15.40 13.16
C GLY A 181 2.62 16.11 12.41
N VAL A 182 2.37 16.43 11.14
CA VAL A 182 3.38 17.08 10.28
C VAL A 182 3.73 18.50 10.73
N GLN A 183 5.00 18.88 10.56
CA GLN A 183 5.48 20.19 10.96
C GLN A 183 5.61 21.15 9.77
N ASP A 184 6.16 20.64 8.67
CA ASP A 184 6.41 21.44 7.48
C ASP A 184 5.47 21.06 6.33
N ALA A 185 4.17 21.30 6.54
CA ALA A 185 3.12 20.96 5.57
C ALA A 185 3.30 21.61 4.21
N ALA A 186 3.93 22.80 4.19
CA ALA A 186 4.14 23.57 2.96
C ALA A 186 5.23 22.97 2.07
N LEU A 187 6.31 22.48 2.68
CA LEU A 187 7.38 21.78 1.96
C LEU A 187 6.86 20.46 1.39
N ILE A 188 6.23 19.66 2.26
CA ILE A 188 5.64 18.38 1.86
C ILE A 188 4.66 18.61 0.72
N GLU A 189 3.86 19.67 0.84
CA GLU A 189 2.88 20.05 -0.18
C GLU A 189 3.53 20.35 -1.53
N ALA A 190 4.69 21.03 -1.48
CA ALA A 190 5.46 21.38 -2.68
C ALA A 190 5.98 20.17 -3.46
N ILE A 191 6.44 19.16 -2.72
CA ILE A 191 6.92 17.91 -3.31
C ILE A 191 5.79 17.15 -4.01
N GLN A 192 4.62 17.11 -3.36
CA GLN A 192 3.45 16.42 -3.91
C GLN A 192 2.97 17.03 -5.21
N ASP A 193 3.02 18.36 -5.31
CA ASP A 193 2.63 19.07 -6.53
C ASP A 193 3.55 18.73 -7.69
N ARG A 194 4.84 18.60 -7.38
CA ARG A 194 5.85 18.18 -8.36
C ARG A 194 5.60 16.75 -8.82
N LEU A 195 5.19 15.89 -7.89
CA LEU A 195 4.80 14.52 -8.21
C LEU A 195 3.46 14.42 -8.95
N SER A 196 2.47 15.20 -8.50
CA SER A 196 1.13 15.22 -9.14
C SER A 196 1.17 15.80 -10.53
N ASN A 197 1.97 16.84 -10.71
CA ASN A 197 2.18 17.47 -12.01
C ASN A 197 2.78 16.49 -13.00
N THR A 198 3.75 15.69 -12.53
CA THR A 198 4.36 14.65 -13.35
C THR A 198 3.31 13.62 -13.80
N LEU A 199 2.45 13.20 -12.88
CA LEU A 199 1.40 12.24 -13.19
C LEU A 199 0.44 12.75 -14.26
N GLN A 200 -0.12 13.95 -14.06
CA GLN A 200 -1.04 14.56 -15.03
C GLN A 200 -0.42 14.67 -16.41
N THR A 201 0.90 14.88 -16.46
CA THR A 201 1.65 15.05 -17.70
C THR A 201 1.94 13.72 -18.40
N TYR A 202 2.21 12.67 -17.63
CA TYR A 202 2.39 11.33 -18.18
C TYR A 202 1.08 10.85 -18.82
N ILE A 203 -0.03 11.02 -18.08
CA ILE A 203 -1.38 10.69 -18.56
C ILE A 203 -1.69 11.37 -19.90
N ARG A 204 -1.40 12.67 -19.99
CA ARG A 204 -1.62 13.45 -21.21
C ARG A 204 -0.80 12.92 -22.38
N CYS A 205 0.48 12.62 -22.13
CA CYS A 205 1.42 12.23 -23.17
C CYS A 205 1.28 10.78 -23.62
N ARG A 206 1.18 9.86 -22.66
CA ARG A 206 1.47 8.45 -22.91
C ARG A 206 0.28 7.51 -22.86
N HIS A 207 -0.86 7.98 -22.36
CA HIS A 207 -1.99 7.09 -22.13
C HIS A 207 -3.04 7.15 -23.25
N PRO A 208 -3.26 6.01 -23.94
CA PRO A 208 -4.37 5.88 -24.90
C PRO A 208 -5.75 5.85 -24.20
N PRO A 209 -6.82 6.34 -24.87
CA PRO A 209 -6.89 6.96 -26.20
C PRO A 209 -5.93 8.14 -26.51
N PRO A 210 -5.90 9.24 -25.68
CA PRO A 210 -6.69 9.62 -24.50
C PRO A 210 -7.90 10.53 -24.80
N GLY A 211 -9.09 10.01 -24.54
CA GLY A 211 -10.29 10.83 -24.46
C GLY A 211 -10.60 10.99 -22.99
N SER A 212 -9.89 10.22 -22.17
CA SER A 212 -10.09 10.20 -20.73
C SER A 212 -8.79 10.48 -19.94
N HIS A 213 -8.43 11.76 -19.85
CA HIS A 213 -7.43 12.24 -18.89
C HIS A 213 -8.15 12.30 -17.52
N LEU A 214 -9.46 12.02 -17.57
CA LEU A 214 -10.32 11.79 -16.43
C LEU A 214 -9.76 10.71 -15.50
N LEU A 215 -8.88 9.88 -16.04
CA LEU A 215 -8.13 8.89 -15.27
C LEU A 215 -7.44 9.49 -14.04
N TYR A 216 -7.02 10.74 -14.16
CA TYR A 216 -6.41 11.45 -13.03
C TYR A 216 -7.39 11.65 -11.86
N ALA A 217 -8.63 12.04 -12.19
CA ALA A 217 -9.68 12.20 -11.19
C ALA A 217 -9.99 10.88 -10.46
N LYS A 218 -9.91 9.79 -11.20
CA LYS A 218 -10.15 8.46 -10.66
C LYS A 218 -9.04 7.99 -9.71
N MET A 219 -7.82 8.43 -9.98
CA MET A 219 -6.65 8.03 -9.19
C MET A 219 -6.57 8.74 -7.85
N ILE A 220 -7.01 10.00 -7.83
CA ILE A 220 -7.10 10.79 -6.60
C ILE A 220 -8.21 10.24 -5.71
N GLN A 221 -9.25 9.72 -6.34
CA GLN A 221 -10.36 9.08 -5.66
C GLN A 221 -9.89 7.85 -4.86
N LYS A 222 -9.02 7.06 -5.40
CA LYS A 222 -8.49 5.94 -4.67
C LYS A 222 -7.79 6.39 -3.43
N LEU A 223 -7.01 7.42 -3.53
CA LEU A 223 -6.29 7.90 -2.36
C LEU A 223 -7.25 8.24 -1.22
N ALA A 224 -8.49 8.60 -1.57
CA ALA A 224 -9.53 8.88 -0.59
C ALA A 224 -10.17 7.58 -0.05
N ASP A 225 -10.32 6.58 -0.91
CA ASP A 225 -10.73 5.23 -0.47
C ASP A 225 -9.71 4.76 0.57
N LEU A 226 -8.43 5.00 0.29
CA LEU A 226 -7.32 4.59 1.13
C LEU A 226 -7.38 5.14 2.55
N ARG A 227 -7.85 6.38 2.71
CA ARG A 227 -7.99 7.01 4.04
C ARG A 227 -9.06 6.30 4.88
N SER A 228 -10.15 5.91 4.23
CA SER A 228 -11.22 5.14 4.86
C SER A 228 -10.69 3.80 5.33
N LEU A 229 -9.99 3.12 4.43
CA LEU A 229 -9.41 1.82 4.73
C LEU A 229 -8.36 1.89 5.85
N ASN A 230 -7.51 2.92 5.79
CA ASN A 230 -6.51 3.18 6.82
C ASN A 230 -7.14 3.31 8.20
N GLU A 231 -8.26 4.04 8.27
CA GLU A 231 -8.98 4.26 9.52
C GLU A 231 -9.67 2.98 9.98
N GLU A 232 -10.32 2.30 9.04
CA GLU A 232 -10.99 1.04 9.34
C GLU A 232 -10.01 0.01 9.88
N HIS A 233 -8.85 -0.11 9.23
CA HIS A 233 -7.79 -1.02 9.67
C HIS A 233 -7.35 -0.73 11.10
N SER A 234 -7.19 0.56 11.41
CA SER A 234 -6.81 0.99 12.74
C SER A 234 -7.81 0.55 13.81
N LYS A 235 -9.09 0.53 13.45
CA LYS A 235 -10.12 0.07 14.33
C LYS A 235 -9.90 -1.37 14.64
N GLN A 236 -9.71 -2.17 13.60
CA GLN A 236 -9.55 -3.62 13.71
C GLN A 236 -8.23 -4.04 14.38
N TYR A 237 -7.17 -3.28 14.14
CA TYR A 237 -5.89 -3.52 14.82
C TYR A 237 -6.04 -3.39 16.33
N ARG A 238 -6.79 -2.37 16.75
CA ARG A 238 -7.02 -2.10 18.17
C ARG A 238 -7.71 -3.25 18.88
N CYS A 239 -8.60 -3.94 18.17
CA CYS A 239 -9.25 -5.13 18.70
C CYS A 239 -8.29 -6.31 18.87
N LEU A 240 -7.39 -6.47 17.90
CA LEU A 240 -6.38 -7.52 17.95
C LEU A 240 -5.47 -7.38 19.15
N SER A 241 -5.08 -6.14 19.45
CA SER A 241 -4.19 -5.85 20.57
C SER A 241 -4.84 -6.15 21.93
N PHE A 242 -6.17 -6.16 21.97
CA PHE A 242 -6.94 -6.54 23.17
C PHE A 242 -6.80 -8.03 23.48
N GLN A 243 -6.54 -8.81 22.44
CA GLN A 243 -6.36 -10.25 22.57
C GLN A 243 -5.02 -10.54 23.24
N PRO A 244 -5.04 -11.28 24.38
CA PRO A 244 -3.81 -11.68 25.05
C PRO A 244 -2.87 -12.46 24.13
N GLU A 245 -1.56 -12.34 24.40
CA GLU A 245 -0.48 -13.05 23.67
C GLU A 245 -0.31 -12.59 22.22
N CYS A 246 -1.07 -11.55 21.84
CA CYS A 246 -1.04 -10.99 20.50
C CYS A 246 0.33 -10.47 20.12
N SER A 247 0.96 -9.79 21.07
CA SER A 247 2.24 -9.11 20.85
C SER A 247 3.34 -9.98 20.23
N MET A 248 3.45 -11.23 20.67
CA MET A 248 4.45 -12.16 20.12
C MET A 248 4.10 -12.62 18.71
N LYS A 249 2.83 -12.56 18.34
CA LYS A 249 2.38 -12.96 17.01
C LYS A 249 2.69 -11.86 16.00
N LEU A 250 2.99 -10.68 16.52
CA LEU A 250 3.34 -9.51 15.72
C LEU A 250 4.85 -9.33 15.72
N THR A 251 5.31 -8.19 15.20
CA THR A 251 6.72 -7.81 15.23
C THR A 251 6.83 -6.45 15.91
N PRO A 252 8.03 -6.11 16.42
CA PRO A 252 8.22 -4.80 17.08
C PRO A 252 7.99 -3.60 16.14
N LEU A 253 8.06 -3.85 14.83
CA LEU A 253 7.82 -2.83 13.81
C LEU A 253 6.32 -2.58 13.63
N VAL A 254 5.59 -3.66 13.38
CA VAL A 254 4.12 -3.64 13.28
C VAL A 254 3.52 -3.01 14.53
N LEU A 255 4.02 -3.45 15.68
CA LEU A 255 3.60 -2.92 16.98
C LEU A 255 3.82 -1.40 17.10
N GLU A 256 4.97 -0.94 16.66
CA GLU A 256 5.31 0.49 16.74
C GLU A 256 4.47 1.32 15.78
N VAL A 257 4.35 0.85 14.54
CA VAL A 257 3.63 1.57 13.49
C VAL A 257 2.16 1.79 13.83
N PHE A 258 1.46 0.72 14.20
CA PHE A 258 0.02 0.75 14.40
C PHE A 258 -0.42 1.08 15.82
N GLY A 259 0.47 0.87 16.79
CA GLY A 259 0.20 1.19 18.19
C GLY A 259 0.32 2.68 18.50
#